data_6GN9
#
_entry.id   6GN9
#
_cell.length_a   30.031
_cell.length_b   42.388
_cell.length_c   84.522
_cell.angle_alpha   90.00
_cell.angle_beta   90.00
_cell.angle_gamma   90.00
#
_symmetry.space_group_name_H-M   'P 2 21 21'
#
loop_
_entity.id
_entity.type
_entity.pdbx_description
1 polymer Thioredoxin
2 non-polymer 'ACETATE ION'
3 water water
#
_entity_poly.entity_id   1
_entity_poly.type   'polypeptide(L)'
_entity_poly.pdbx_seq_one_letter_code
;GSHMVKEINESIFDEEIKTSGEPVIVDFWAPWCGPCKMLGPIIDELSEDLDGKAKFTKVNVDENPGIASKFGIASIPTVM
IFKDGNPVETLVGFRPKQSITASIEKHM
;
_entity_poly.pdbx_strand_id   A
#
# COMPACT_ATOMS: atom_id res chain seq x y z
N MET A 4 -8.38 -6.81 -6.68
CA MET A 4 -7.65 -7.77 -5.84
C MET A 4 -6.72 -7.06 -4.87
N VAL A 5 -7.30 -6.37 -3.90
CA VAL A 5 -6.51 -5.69 -2.89
C VAL A 5 -6.83 -6.42 -1.59
N LYS A 6 -5.83 -7.00 -0.94
CA LYS A 6 -6.08 -7.77 0.26
C LYS A 6 -5.88 -7.00 1.55
N GLU A 7 -6.89 -7.03 2.41
CA GLU A 7 -6.78 -6.40 3.72
C GLU A 7 -5.90 -7.26 4.61
N ILE A 8 -4.86 -6.66 5.20
CA ILE A 8 -3.89 -7.40 5.99
C ILE A 8 -3.74 -6.76 7.36
N ASN A 9 -3.29 -7.56 8.30
CA ASN A 9 -3.08 -7.15 9.68
C ASN A 9 -1.71 -7.62 10.12
N GLU A 10 -1.30 -7.24 11.33
CA GLU A 10 0.02 -7.59 11.82
C GLU A 10 0.31 -9.10 11.85
N SER A 11 -0.67 -9.95 12.18
CA SER A 11 -0.45 -11.38 12.23
C SER A 11 -0.04 -12.00 10.88
N ILE A 12 -0.63 -11.51 9.78
CA ILE A 12 -0.32 -12.04 8.46
C ILE A 12 0.55 -11.10 7.64
N PHE A 13 0.94 -9.96 8.21
CA PHE A 13 1.71 -8.98 7.43
C PHE A 13 2.99 -9.60 6.90
N ASP A 14 3.73 -10.31 7.75
CA ASP A 14 4.99 -10.90 7.32
C ASP A 14 4.78 -11.85 6.15
N GLU A 15 3.74 -12.67 6.21
CA GLU A 15 3.47 -13.64 5.16
C GLU A 15 3.19 -12.97 3.81
N GLU A 16 2.23 -12.06 3.79
CA GLU A 16 1.86 -11.35 2.58
C GLU A 16 2.98 -10.49 1.97
N ILE A 17 3.75 -9.80 2.80
CA ILE A 17 4.86 -8.97 2.32
C ILE A 17 5.99 -9.73 1.61
N LYS A 18 6.36 -10.91 2.11
CA LYS A 18 7.40 -11.67 1.44
C LYS A 18 6.74 -12.63 0.44
N THR A 19 6.90 -12.38 -0.86
CA THR A 19 6.28 -13.22 -1.88
C THR A 19 6.93 -12.95 -3.23
N GLU A 22 7.86 -10.18 -6.91
CA GLU A 22 7.41 -8.90 -7.43
C GLU A 22 7.13 -7.93 -6.29
N PRO A 23 7.16 -6.62 -6.60
CA PRO A 23 6.93 -5.63 -5.55
C PRO A 23 5.54 -5.78 -4.94
N VAL A 24 5.49 -5.54 -3.63
CA VAL A 24 4.24 -5.60 -2.88
C VAL A 24 3.91 -4.18 -2.43
N ILE A 25 2.72 -3.72 -2.79
CA ILE A 25 2.27 -2.37 -2.49
C ILE A 25 1.32 -2.44 -1.30
N VAL A 26 1.57 -1.60 -0.30
CA VAL A 26 0.75 -1.54 0.91
C VAL A 26 0.13 -0.16 0.98
N ASP A 27 -1.20 -0.10 0.95
CA ASP A 27 -1.94 1.14 1.08
C ASP A 27 -2.37 1.31 2.54
N PHE A 28 -1.76 2.27 3.22
CA PHE A 28 -2.15 2.62 4.58
C PHE A 28 -3.28 3.64 4.52
N TRP A 29 -4.41 3.32 5.13
CA TRP A 29 -5.62 4.08 4.92
C TRP A 29 -6.49 4.03 6.18
N ALA A 30 -7.56 4.84 6.17
CA ALA A 30 -8.58 4.83 7.20
C ALA A 30 -9.90 5.17 6.52
N PRO A 31 -11.00 4.52 6.89
CA PRO A 31 -12.26 4.75 6.16
C PRO A 31 -12.83 6.15 6.32
N TRP A 32 -12.39 6.91 7.33
CA TRP A 32 -12.88 8.26 7.55
C TRP A 32 -12.03 9.32 6.84
N CYS A 33 -10.91 8.94 6.23
CA CYS A 33 -9.99 9.89 5.63
C CYS A 33 -10.35 10.10 4.16
N GLY A 34 -10.70 11.34 3.82
CA GLY A 34 -11.13 11.67 2.48
C GLY A 34 -10.13 11.29 1.41
N PRO A 35 -8.92 11.83 1.51
CA PRO A 35 -7.89 11.47 0.52
C PRO A 35 -7.64 9.98 0.42
N CYS A 36 -7.74 9.25 1.53
CA CYS A 36 -7.61 7.80 1.46
C CYS A 36 -8.72 7.19 0.61
N LYS A 37 -9.95 7.66 0.79
CA LYS A 37 -11.06 7.14 0.00
C LYS A 37 -10.90 7.47 -1.47
N MET A 38 -10.28 8.61 -1.79
CA MET A 38 -9.97 8.91 -3.19
C MET A 38 -8.95 7.93 -3.75
N LEU A 39 -8.01 7.47 -2.91
CA LEU A 39 -6.96 6.57 -3.35
C LEU A 39 -7.46 5.14 -3.57
N GLY A 40 -8.43 4.69 -2.78
CA GLY A 40 -8.91 3.33 -2.83
C GLY A 40 -9.17 2.84 -4.24
N PRO A 41 -10.04 3.53 -4.98
CA PRO A 41 -10.32 3.10 -6.36
C PRO A 41 -9.09 3.02 -7.23
N ILE A 42 -8.09 3.87 -6.98
CA ILE A 42 -6.86 3.83 -7.78
C ILE A 42 -6.11 2.52 -7.52
N ILE A 43 -5.95 2.17 -6.24
CA ILE A 43 -5.27 0.93 -5.89
C ILE A 43 -6.02 -0.27 -6.47
N ASP A 44 -7.34 -0.27 -6.36
CA ASP A 44 -8.13 -1.36 -6.94
C ASP A 44 -7.88 -1.48 -8.43
N GLU A 45 -7.95 -0.36 -9.15
CA GLU A 45 -7.72 -0.40 -10.60
C GLU A 45 -6.33 -0.91 -10.92
N LEU A 46 -5.32 -0.47 -10.15
CA LEU A 46 -3.95 -0.90 -10.44
C LEU A 46 -3.75 -2.38 -10.14
N SER A 47 -4.48 -2.94 -9.18
CA SER A 47 -4.36 -4.37 -8.91
C SER A 47 -4.77 -5.19 -10.13
N GLU A 48 -5.61 -4.63 -11.00
CA GLU A 48 -6.00 -5.29 -12.24
C GLU A 48 -5.05 -4.94 -13.38
N ASP A 49 -4.72 -3.66 -13.52
CA ASP A 49 -3.87 -3.24 -14.63
C ASP A 49 -2.44 -3.75 -14.48
N LEU A 50 -1.94 -3.84 -13.24
CA LEU A 50 -0.59 -4.34 -13.00
C LEU A 50 -0.61 -5.80 -12.52
N ASP A 51 -1.71 -6.50 -12.71
CA ASP A 51 -1.79 -7.91 -12.33
C ASP A 51 -0.69 -8.69 -13.04
N GLY A 52 0.02 -9.51 -12.28
CA GLY A 52 1.17 -10.22 -12.79
C GLY A 52 2.48 -9.48 -12.68
N LYS A 53 2.39 -8.19 -12.38
CA LYS A 53 3.56 -7.34 -12.18
C LYS A 53 3.78 -6.86 -10.73
N ALA A 54 2.70 -6.59 -9.98
CA ALA A 54 2.82 -6.17 -8.59
C ALA A 54 1.68 -6.74 -7.77
N LYS A 55 1.88 -6.82 -6.46
CA LYS A 55 0.86 -7.34 -5.54
C LYS A 55 0.37 -6.18 -4.67
N PHE A 56 -0.94 -6.07 -4.47
CA PHE A 56 -1.49 -4.97 -3.70
C PHE A 56 -2.22 -5.39 -2.42
N THR A 57 -1.96 -4.66 -1.33
CA THR A 57 -2.60 -4.93 -0.06
C THR A 57 -2.99 -3.61 0.59
N LYS A 58 -3.87 -3.69 1.60
CA LYS A 58 -4.33 -2.52 2.33
C LYS A 58 -4.18 -2.76 3.83
N VAL A 59 -3.74 -1.73 4.55
CA VAL A 59 -3.64 -1.76 6.01
C VAL A 59 -4.49 -0.62 6.57
N ASN A 60 -5.52 -0.97 7.33
CA ASN A 60 -6.33 0.01 8.04
C ASN A 60 -5.58 0.42 9.30
N VAL A 61 -5.13 1.68 9.36
CA VAL A 61 -4.28 2.11 10.45
C VAL A 61 -5.04 2.22 11.77
N ASP A 62 -6.36 2.36 11.73
CA ASP A 62 -7.14 2.35 12.96
C ASP A 62 -7.01 1.02 13.67
N GLU A 63 -6.97 -0.07 12.91
CA GLU A 63 -6.93 -1.41 13.46
C GLU A 63 -5.52 -1.98 13.60
N ASN A 64 -4.51 -1.31 13.04
CA ASN A 64 -3.15 -1.81 13.05
C ASN A 64 -2.19 -0.67 13.39
N PRO A 65 -2.33 -0.06 14.56
CA PRO A 65 -1.41 1.01 14.95
C PRO A 65 0.03 0.54 15.05
N GLY A 66 0.27 -0.74 15.32
CA GLY A 66 1.63 -1.22 15.46
C GLY A 66 2.37 -1.25 14.13
N ILE A 67 1.70 -1.66 13.06
CA ILE A 67 2.30 -1.62 11.74
C ILE A 67 2.61 -0.18 11.36
N ALA A 68 1.65 0.72 11.58
CA ALA A 68 1.85 2.11 11.19
C ALA A 68 3.06 2.71 11.89
N SER A 69 3.23 2.44 13.19
CA SER A 69 4.36 3.00 13.92
C SER A 69 5.68 2.39 13.44
N LYS A 70 5.69 1.07 13.19
CA LYS A 70 6.92 0.41 12.78
C LYS A 70 7.49 1.03 11.51
N PHE A 71 6.63 1.40 10.57
CA PHE A 71 7.06 1.92 9.28
C PHE A 71 6.92 3.43 9.17
N GLY A 72 6.78 4.12 10.31
CA GLY A 72 6.77 5.57 10.32
C GLY A 72 5.64 6.19 9.53
N ILE A 73 4.48 5.55 9.47
CA ILE A 73 3.34 6.08 8.74
C ILE A 73 2.74 7.23 9.54
N ALA A 74 3.37 8.40 9.46
CA ALA A 74 2.93 9.57 10.20
C ALA A 74 1.78 10.30 9.53
N SER A 75 1.52 10.03 8.26
CA SER A 75 0.46 10.70 7.52
C SER A 75 -0.21 9.67 6.61
N ILE A 76 -1.53 9.78 6.48
CA ILE A 76 -2.26 8.93 5.55
C ILE A 76 -3.00 9.84 4.56
N PRO A 77 -3.19 9.40 3.30
CA PRO A 77 -2.75 8.10 2.80
C PRO A 77 -1.24 8.03 2.58
N THR A 78 -0.69 6.84 2.78
CA THR A 78 0.70 6.58 2.49
C THR A 78 0.74 5.24 1.75
N VAL A 79 1.46 5.15 0.63
CA VAL A 79 1.56 3.90 -0.08
C VAL A 79 3.02 3.47 0.04
N MET A 80 3.27 2.24 0.49
CA MET A 80 4.62 1.76 0.65
C MET A 80 4.88 0.64 -0.35
N ILE A 81 6.09 0.56 -0.87
CA ILE A 81 6.42 -0.49 -1.81
C ILE A 81 7.47 -1.38 -1.15
N PHE A 82 7.26 -2.69 -1.16
CA PHE A 82 8.19 -3.62 -0.56
C PHE A 82 8.74 -4.53 -1.63
N LYS A 83 10.04 -4.80 -1.58
CA LYS A 83 10.66 -5.72 -2.51
C LYS A 83 11.55 -6.67 -1.72
N ASP A 84 11.33 -7.97 -1.87
CA ASP A 84 12.07 -8.98 -1.13
C ASP A 84 12.01 -8.72 0.36
N GLY A 85 10.82 -8.32 0.84
CA GLY A 85 10.58 -8.13 2.24
C GLY A 85 11.11 -6.84 2.83
N ASN A 86 11.79 -6.00 2.04
CA ASN A 86 12.31 -4.73 2.52
C ASN A 86 11.48 -3.57 2.00
N PRO A 87 11.19 -2.57 2.83
CA PRO A 87 10.55 -1.35 2.31
C PRO A 87 11.54 -0.56 1.47
N VAL A 88 11.15 -0.28 0.23
CA VAL A 88 12.01 0.43 -0.71
C VAL A 88 11.45 1.77 -1.16
N GLU A 89 10.16 2.05 -0.92
CA GLU A 89 9.59 3.33 -1.30
C GLU A 89 8.44 3.64 -0.35
N THR A 90 8.37 4.90 0.07
CA THR A 90 7.26 5.40 0.88
C THR A 90 6.66 6.59 0.14
N LEU A 91 5.44 6.42 -0.39
CA LEU A 91 4.77 7.46 -1.15
C LEU A 91 3.72 8.10 -0.26
N VAL A 92 4.02 9.28 0.25
CA VAL A 92 3.11 9.98 1.15
C VAL A 92 2.24 10.93 0.36
N GLY A 93 0.95 10.94 0.67
CA GLY A 93 0.03 11.89 0.08
C GLY A 93 -0.70 11.32 -1.12
N PHE A 94 -1.78 12.00 -1.49
CA PHE A 94 -2.58 11.56 -2.64
C PHE A 94 -1.79 11.74 -3.92
N ARG A 95 -1.89 10.75 -4.79
CA ARG A 95 -1.24 10.76 -6.10
C ARG A 95 -2.15 10.08 -7.09
N PRO A 96 -2.17 10.58 -8.33
CA PRO A 96 -3.00 9.93 -9.35
C PRO A 96 -2.42 8.58 -9.76
N LYS A 97 -3.25 7.82 -10.49
CA LYS A 97 -2.90 6.48 -10.92
C LYS A 97 -1.54 6.46 -11.62
N GLN A 98 -1.33 7.37 -12.57
CA GLN A 98 -0.10 7.38 -13.35
C GLN A 98 1.13 7.57 -12.46
N SER A 99 1.00 8.32 -11.38
CA SER A 99 2.15 8.56 -10.50
C SER A 99 2.51 7.32 -9.71
N ILE A 100 1.50 6.63 -9.18
CA ILE A 100 1.75 5.39 -8.46
C ILE A 100 2.38 4.36 -9.39
N THR A 101 1.83 4.21 -10.59
CA THR A 101 2.38 3.28 -11.57
C THR A 101 3.85 3.60 -11.85
N ALA A 102 4.15 4.87 -12.13
CA ALA A 102 5.52 5.26 -12.40
C ALA A 102 6.45 4.85 -11.28
N SER A 103 5.99 4.97 -10.03
CA SER A 103 6.83 4.59 -8.90
C SER A 103 7.01 3.07 -8.83
N ILE A 104 5.92 2.32 -9.04
CA ILE A 104 6.02 0.86 -8.99
C ILE A 104 6.94 0.36 -10.09
N GLU A 105 6.80 0.93 -11.28
CA GLU A 105 7.65 0.55 -12.41
C GLU A 105 9.15 0.56 -12.05
N LYS A 106 9.59 1.56 -11.29
CA LYS A 106 10.97 1.62 -10.84
C LYS A 106 11.46 0.48 -9.92
N HIS A 107 10.58 -0.04 -9.03
CA HIS A 107 10.80 -1.10 -8.03
C HIS A 107 11.61 -0.54 -6.85
#